data_5BPE
#
_entry.id   5BPE
#
_cell.length_a   76.766
_cell.length_b   63.271
_cell.length_c   38.760
_cell.angle_alpha   90.00
_cell.angle_beta   116.97
_cell.angle_gamma   90.00
#
_symmetry.space_group_name_H-M   'C 1 2 1'
#
loop_
_entity.id
_entity.type
_entity.pdbx_description
1 polymer 'EV71 3Cpro'
2 non-polymer (2~{S})-~{N}-[(1~{R},2~{S})-1-cyano-1-oxidanyl-3-[(3~{S})-2-oxidanylidenepiperidin-3-yl]propan-2-yl]-3-phenyl-2-[[(~{E})-3-phenylprop-2-enoyl]amino]propanamide
3 water water
#
_entity_poly.entity_id   1
_entity_poly.type   'polypeptide(L)'
_entity_poly.pdbx_seq_one_letter_code
;GPAFEFAVAMMKRNSSTVKTEYGEFTMLGIYDRWAVLPRHSKPGPTILMNDQEVGVLDAKELVDKDGTNLELTLLKLNRN
EKFRDIRGFLAKEEVEVNEAVLAINTSKFPNMYIPVGQVTEYGFLNLSGKPTKRMLMYNFPTKAGQCGGVLMSTGKVLGI
HIGGNGRQGFSAALLKHYFN
;
_entity_poly.pdbx_strand_id   A
#
# COMPACT_ATOMS: atom_id res chain seq x y z
N GLY A 1 1.07 -20.01 -4.01
CA GLY A 1 1.14 -20.60 -5.35
C GLY A 1 1.34 -19.60 -6.50
N PRO A 2 0.30 -19.39 -7.32
CA PRO A 2 0.30 -18.37 -8.36
C PRO A 2 0.03 -17.02 -7.73
N ALA A 3 -0.22 -17.04 -6.44
CA ALA A 3 -0.30 -15.83 -5.65
C ALA A 3 1.04 -15.10 -5.77
N PHE A 4 2.12 -15.80 -5.45
CA PHE A 4 3.47 -15.25 -5.59
C PHE A 4 3.75 -14.82 -7.01
N GLU A 5 3.49 -15.74 -7.94
CA GLU A 5 3.77 -15.51 -9.36
C GLU A 5 3.11 -14.20 -9.77
N PHE A 6 1.93 -13.96 -9.22
CA PHE A 6 1.18 -12.77 -9.53
C PHE A 6 1.83 -11.54 -8.94
N ALA A 7 2.36 -11.70 -7.74
CA ALA A 7 2.89 -10.60 -6.94
C ALA A 7 4.24 -10.08 -7.41
N VAL A 8 5.14 -10.98 -7.78
CA VAL A 8 6.42 -10.56 -8.35
C VAL A 8 6.25 -9.67 -9.57
N ALA A 9 5.31 -10.01 -10.44
CA ALA A 9 5.09 -9.23 -11.65
C ALA A 9 4.54 -7.86 -11.30
N MET A 10 3.71 -7.81 -10.27
CA MET A 10 3.10 -6.54 -9.87
C MET A 10 4.18 -5.62 -9.37
N MET A 11 4.99 -6.13 -8.46
CA MET A 11 6.07 -5.36 -7.87
C MET A 11 7.13 -4.99 -8.90
N LYS A 12 7.38 -5.89 -9.86
CA LYS A 12 8.33 -5.61 -10.93
C LYS A 12 7.81 -4.44 -11.75
N ARG A 13 6.53 -4.48 -12.07
CA ARG A 13 5.94 -3.53 -13.01
C ARG A 13 5.55 -2.19 -12.39
N ASN A 14 4.99 -2.21 -11.19
CA ASN A 14 4.39 -0.99 -10.67
C ASN A 14 4.88 -0.53 -9.31
N SER A 15 5.95 -1.12 -8.81
CA SER A 15 6.38 -0.80 -7.47
C SER A 15 7.68 -0.06 -7.46
N SER A 16 7.93 0.63 -6.35
CA SER A 16 9.16 1.36 -6.13
C SER A 16 9.46 1.45 -4.66
N THR A 17 10.66 1.93 -4.36
CA THR A 17 11.14 2.14 -3.00
C THR A 17 11.19 3.64 -2.71
N VAL A 18 10.35 4.11 -1.80
CA VAL A 18 10.31 5.54 -1.47
C VAL A 18 10.84 5.89 -0.05
N LYS A 19 11.62 6.97 0.04
CA LYS A 19 12.09 7.53 1.31
C LYS A 19 11.49 8.90 1.53
N THR A 20 10.98 9.14 2.73
CA THR A 20 10.48 10.45 3.12
C THR A 20 11.09 10.83 4.46
N GLU A 21 10.74 12.00 4.99
CA GLU A 21 11.29 12.41 6.27
C GLU A 21 10.91 11.43 7.35
N TYR A 22 9.93 10.58 7.03
CA TYR A 22 9.36 9.68 8.02
C TYR A 22 9.83 8.25 7.86
N GLY A 23 10.67 8.02 6.87
CA GLY A 23 11.31 6.72 6.73
C GLY A 23 11.16 6.11 5.36
N GLU A 24 11.58 4.85 5.23
CA GLU A 24 11.56 4.16 3.95
C GLU A 24 10.29 3.33 3.79
N PHE A 25 9.62 3.50 2.66
CA PHE A 25 8.36 2.82 2.38
C PHE A 25 8.32 2.14 1.03
N THR A 26 7.38 1.22 0.88
CA THR A 26 7.08 0.61 -0.41
C THR A 26 5.98 1.42 -1.08
N MET A 27 6.11 1.71 -2.38
CA MET A 27 5.10 2.50 -3.08
C MET A 27 4.54 1.74 -4.28
N LEU A 28 3.23 1.84 -4.49
CA LEU A 28 2.54 1.17 -5.58
C LEU A 28 1.94 2.19 -6.55
N GLY A 29 2.27 2.05 -7.82
CA GLY A 29 1.69 2.94 -8.81
C GLY A 29 0.40 2.30 -9.28
N ILE A 30 -0.65 3.11 -9.38
CA ILE A 30 -1.96 2.61 -9.73
C ILE A 30 -2.25 2.76 -11.23
N TYR A 31 -2.20 3.99 -11.73
CA TYR A 31 -2.50 4.30 -13.12
C TYR A 31 -1.89 5.64 -13.43
N ASP A 32 -1.68 5.94 -14.71
CA ASP A 32 -1.10 7.21 -15.09
C ASP A 32 0.14 7.49 -14.26
N ARG A 33 0.15 8.63 -13.58
CA ARG A 33 1.28 8.97 -12.74
C ARG A 33 0.85 9.11 -11.30
N TRP A 34 -0.19 8.36 -10.94
CA TRP A 34 -0.68 8.28 -9.58
C TRP A 34 -0.15 7.05 -8.84
N ALA A 35 0.20 7.25 -7.57
CA ALA A 35 0.62 6.14 -6.72
C ALA A 35 0.01 6.25 -5.32
N VAL A 36 0.16 5.22 -4.52
CA VAL A 36 -0.32 5.29 -3.15
C VAL A 36 0.83 5.09 -2.19
N LEU A 37 0.69 5.68 -1.02
CA LEU A 37 1.61 5.50 0.10
C LEU A 37 0.78 5.40 1.34
N PRO A 38 1.33 4.78 2.39
CA PRO A 38 0.69 4.94 3.69
C PRO A 38 0.62 6.42 4.02
N ARG A 39 -0.53 6.90 4.51
CA ARG A 39 -0.68 8.30 4.85
C ARG A 39 0.45 8.78 5.74
N HIS A 40 0.87 7.93 6.67
CA HIS A 40 1.85 8.31 7.70
C HIS A 40 3.27 8.45 7.16
N SER A 41 3.44 8.36 5.85
CA SER A 41 4.73 8.56 5.22
C SER A 41 4.95 10.04 5.00
N LYS A 42 3.86 10.80 5.06
CA LYS A 42 3.86 12.26 4.96
C LYS A 42 4.85 12.82 3.93
N PRO A 43 4.68 12.44 2.67
CA PRO A 43 5.54 12.99 1.62
C PRO A 43 5.31 14.47 1.46
N GLY A 44 6.38 15.23 1.32
CA GLY A 44 6.30 16.67 1.13
C GLY A 44 6.37 16.97 -0.34
N PRO A 45 6.89 18.17 -0.69
CA PRO A 45 7.08 18.62 -2.07
C PRO A 45 7.86 17.64 -2.94
N THR A 46 8.89 16.97 -2.42
CA THR A 46 9.52 15.88 -3.18
C THR A 46 9.79 14.64 -2.31
N ILE A 47 10.16 13.56 -2.99
CA ILE A 47 10.42 12.28 -2.34
C ILE A 47 11.58 11.58 -3.04
N LEU A 48 12.24 10.66 -2.36
CA LEU A 48 13.25 9.83 -2.99
C LEU A 48 12.60 8.58 -3.53
N MET A 49 12.35 8.54 -4.83
CA MET A 49 11.80 7.33 -5.47
C MET A 49 12.96 6.59 -6.12
N ASN A 50 13.24 5.39 -5.64
CA ASN A 50 14.46 4.68 -5.99
C ASN A 50 15.65 5.61 -6.05
N ASP A 51 15.90 6.30 -4.94
CA ASP A 51 17.04 7.22 -4.78
C ASP A 51 17.10 8.40 -5.74
N GLN A 52 16.00 8.71 -6.42
CA GLN A 52 16.01 9.97 -7.17
C GLN A 52 14.87 10.88 -6.74
N GLU A 53 15.13 12.19 -6.85
CA GLU A 53 14.14 13.18 -6.51
C GLU A 53 13.10 13.25 -7.58
N VAL A 54 11.92 12.76 -7.23
CA VAL A 54 10.70 12.91 -8.01
C VAL A 54 9.83 13.92 -7.29
N GLY A 55 9.33 14.91 -8.00
CA GLY A 55 8.46 15.90 -7.39
C GLY A 55 7.04 15.38 -7.26
N VAL A 56 6.31 15.91 -6.28
CA VAL A 56 4.94 15.51 -6.09
C VAL A 56 3.99 16.64 -6.42
N LEU A 57 3.42 16.59 -7.63
CA LEU A 57 2.57 17.65 -8.12
C LEU A 57 1.36 17.90 -7.25
N ASP A 58 0.76 16.82 -6.76
CA ASP A 58 -0.46 16.90 -5.96
C ASP A 58 -0.55 15.72 -5.02
N ALA A 59 -1.22 15.91 -3.88
CA ALA A 59 -1.36 14.86 -2.87
C ALA A 59 -2.66 14.98 -2.05
N LYS A 60 -3.48 13.93 -2.12
CA LYS A 60 -4.73 13.84 -1.37
C LYS A 60 -4.65 12.80 -0.26
N GLU A 61 -4.62 13.23 1.00
CA GLU A 61 -4.76 12.26 2.08
C GLU A 61 -6.21 11.75 2.13
N LEU A 62 -6.39 10.46 1.88
CA LEU A 62 -7.73 9.92 1.66
C LEU A 62 -8.47 9.66 2.95
N VAL A 63 -9.76 9.96 2.91
CA VAL A 63 -10.62 9.83 4.07
C VAL A 63 -12.01 9.36 3.68
N ASP A 64 -12.70 8.79 4.68
CA ASP A 64 -14.13 8.44 4.69
C ASP A 64 -15.07 9.44 4.04
N LYS A 65 -16.37 9.11 4.00
CA LYS A 65 -17.36 10.12 3.67
C LYS A 65 -17.70 10.86 4.97
N ASP A 66 -17.25 10.29 6.07
CA ASP A 66 -17.43 10.86 7.40
C ASP A 66 -16.20 11.66 7.79
N GLY A 67 -15.22 11.71 6.88
CA GLY A 67 -13.96 12.38 7.16
C GLY A 67 -12.97 11.49 7.88
N THR A 68 -13.43 10.31 8.32
CA THR A 68 -12.60 9.38 9.07
C THR A 68 -11.36 8.97 8.28
N ASN A 69 -10.24 8.78 8.97
CA ASN A 69 -9.01 8.44 8.29
C ASN A 69 -9.10 7.11 7.56
N LEU A 70 -8.32 6.96 6.49
CA LEU A 70 -8.24 5.71 5.75
C LEU A 70 -6.79 5.30 5.56
N GLU A 71 -5.89 6.20 5.97
CA GLU A 71 -4.45 5.94 6.00
C GLU A 71 -3.83 5.81 4.62
N LEU A 72 -4.54 6.31 3.60
CA LEU A 72 -4.03 6.25 2.24
C LEU A 72 -3.75 7.65 1.72
N THR A 73 -2.61 7.82 1.07
CA THR A 73 -2.27 9.08 0.44
C THR A 73 -1.97 8.84 -1.03
N LEU A 74 -2.68 9.57 -1.88
CA LEU A 74 -2.49 9.55 -3.33
C LEU A 74 -1.48 10.59 -3.81
N LEU A 75 -0.54 10.16 -4.63
CA LEU A 75 0.52 11.01 -5.13
C LEU A 75 0.48 11.15 -6.64
N LYS A 76 0.35 12.38 -7.13
CA LYS A 76 0.66 12.58 -8.52
C LYS A 76 2.15 12.86 -8.58
N LEU A 77 2.87 12.03 -9.35
CA LEU A 77 4.31 12.16 -9.50
C LEU A 77 4.70 12.96 -10.74
N ASN A 78 5.77 13.75 -10.64
CA ASN A 78 6.25 14.49 -11.79
C ASN A 78 7.32 13.72 -12.54
N ARG A 79 6.89 12.69 -13.29
CA ARG A 79 7.79 11.89 -14.11
C ARG A 79 7.08 11.54 -15.41
N ASN A 80 7.84 11.19 -16.43
CA ASN A 80 7.24 10.92 -17.74
C ASN A 80 6.51 9.58 -17.77
N GLU A 81 7.24 8.52 -17.49
CA GLU A 81 6.69 7.18 -17.50
C GLU A 81 5.30 7.11 -16.83
N LYS A 82 4.37 6.44 -17.50
CA LYS A 82 3.11 6.11 -16.88
C LYS A 82 3.22 4.75 -16.25
N PHE A 83 2.49 4.54 -15.17
CA PHE A 83 2.43 3.23 -14.59
C PHE A 83 1.53 2.35 -15.46
N ARG A 84 1.46 1.07 -15.13
CA ARG A 84 0.45 0.21 -15.70
C ARG A 84 -0.85 0.40 -14.94
N ASP A 85 -1.98 0.47 -15.64
CA ASP A 85 -3.27 0.67 -14.97
C ASP A 85 -3.73 -0.61 -14.29
N ILE A 86 -3.46 -0.69 -12.99
CA ILE A 86 -3.81 -1.89 -12.26
C ILE A 86 -5.13 -1.75 -11.54
N ARG A 87 -5.98 -0.81 -11.95
CA ARG A 87 -7.26 -0.63 -11.27
C ARG A 87 -8.17 -1.84 -11.48
N GLY A 88 -7.97 -2.55 -12.58
CA GLY A 88 -8.74 -3.75 -12.82
C GLY A 88 -8.53 -4.82 -11.78
N PHE A 89 -7.48 -4.69 -10.98
CA PHE A 89 -7.16 -5.63 -9.91
C PHE A 89 -7.70 -5.20 -8.55
N LEU A 90 -8.21 -3.97 -8.46
CA LEU A 90 -8.73 -3.43 -7.21
C LEU A 90 -10.18 -3.78 -7.00
N ALA A 91 -10.54 -4.18 -5.79
CA ALA A 91 -11.92 -4.55 -5.49
C ALA A 91 -12.80 -3.31 -5.33
N LYS A 92 -14.10 -3.52 -5.25
CA LYS A 92 -15.02 -2.42 -5.06
C LYS A 92 -15.26 -2.23 -3.60
N GLU A 93 -15.12 -3.34 -2.86
CA GLU A 93 -15.23 -3.32 -1.41
C GLU A 93 -14.23 -4.30 -0.81
N GLU A 94 -13.93 -4.11 0.47
CA GLU A 94 -12.91 -4.90 1.15
C GLU A 94 -13.02 -6.39 0.89
N VAL A 95 -11.86 -7.05 0.80
CA VAL A 95 -11.77 -8.44 0.37
C VAL A 95 -11.21 -9.35 1.46
N GLU A 96 -11.79 -10.53 1.60
CA GLU A 96 -11.23 -11.50 2.51
C GLU A 96 -10.78 -12.71 1.71
N VAL A 97 -9.53 -13.12 1.94
CA VAL A 97 -8.97 -14.30 1.33
C VAL A 97 -8.32 -15.16 2.40
N ASN A 98 -8.21 -16.47 2.17
CA ASN A 98 -7.62 -17.37 3.15
C ASN A 98 -6.12 -17.46 2.96
N GLU A 99 -5.68 -17.15 1.75
CA GLU A 99 -4.29 -17.22 1.40
C GLU A 99 -3.90 -15.91 0.71
N ALA A 100 -2.93 -15.19 1.30
CA ALA A 100 -2.53 -13.91 0.77
C ALA A 100 -1.04 -13.67 0.93
N VAL A 101 -0.49 -12.75 0.13
CA VAL A 101 0.96 -12.54 0.06
C VAL A 101 1.31 -11.07 0.27
N LEU A 102 2.21 -10.80 1.21
CA LEU A 102 2.65 -9.42 1.43
C LEU A 102 4.03 -9.22 0.85
N ALA A 103 4.18 -8.14 0.11
CA ALA A 103 5.37 -7.91 -0.70
C ALA A 103 6.01 -6.57 -0.40
N ILE A 104 7.29 -6.58 -0.04
CA ILE A 104 8.01 -5.36 0.28
C ILE A 104 9.20 -5.08 -0.64
N ASN A 105 9.43 -3.82 -0.97
CA ASN A 105 10.59 -3.43 -1.74
C ASN A 105 11.26 -2.19 -1.17
N THR A 106 11.83 -2.31 0.03
CA THR A 106 12.64 -1.24 0.59
C THR A 106 14.09 -1.68 0.67
N SER A 107 14.98 -0.82 1.13
CA SER A 107 16.38 -1.19 1.16
C SER A 107 16.69 -2.12 2.33
N LYS A 108 15.87 -2.01 3.37
CA LYS A 108 15.96 -2.88 4.54
C LYS A 108 15.32 -4.22 4.23
N PHE A 109 14.19 -4.19 3.53
CA PHE A 109 13.54 -5.40 3.04
C PHE A 109 13.37 -5.33 1.54
N PRO A 110 14.46 -5.57 0.79
CA PRO A 110 14.42 -5.50 -0.67
C PRO A 110 13.73 -6.70 -1.31
N ASN A 111 12.71 -6.44 -2.12
CA ASN A 111 12.09 -7.48 -2.91
C ASN A 111 11.77 -8.79 -2.15
N MET A 112 11.06 -8.69 -1.03
CA MET A 112 10.77 -9.89 -0.24
C MET A 112 9.28 -10.20 -0.18
N TYR A 113 8.94 -11.49 -0.26
CA TYR A 113 7.54 -11.90 -0.25
C TYR A 113 7.18 -12.78 0.92
N ILE A 114 6.01 -12.48 1.52
CA ILE A 114 5.56 -13.17 2.71
C ILE A 114 4.21 -13.85 2.59
N PRO A 115 4.19 -15.18 2.70
CA PRO A 115 2.94 -15.93 2.76
C PRO A 115 2.31 -15.69 4.10
N VAL A 116 1.41 -14.71 4.15
CA VAL A 116 0.90 -14.15 5.39
C VAL A 116 -0.39 -14.85 5.89
N GLY A 117 -0.95 -15.68 5.05
CA GLY A 117 -2.14 -16.41 5.43
C GLY A 117 -3.42 -15.65 5.22
N GLN A 118 -4.24 -15.61 6.26
CA GLN A 118 -5.63 -15.26 6.10
C GLN A 118 -5.90 -13.80 6.40
N VAL A 119 -6.53 -13.12 5.45
CA VAL A 119 -6.93 -11.74 5.61
C VAL A 119 -8.40 -11.67 6.00
N THR A 120 -8.72 -10.89 7.04
CA THR A 120 -10.11 -10.72 7.45
C THR A 120 -10.47 -9.25 7.52
N GLU A 121 -11.73 -8.95 7.23
CA GLU A 121 -12.21 -7.58 7.17
C GLU A 121 -12.31 -6.99 8.58
N TYR A 122 -11.17 -6.65 9.14
CA TYR A 122 -11.06 -6.18 10.51
C TYR A 122 -11.87 -4.93 10.78
N GLY A 123 -12.12 -4.13 9.75
CA GLY A 123 -12.94 -2.94 9.91
C GLY A 123 -12.24 -1.79 10.63
N PHE A 124 -12.66 -1.50 11.86
CA PHE A 124 -12.10 -0.36 12.56
C PHE A 124 -10.83 -0.65 13.37
N LEU A 125 -9.99 0.39 13.47
CA LEU A 125 -8.77 0.37 14.27
C LEU A 125 -8.38 1.79 14.72
N ASN A 126 -8.01 1.91 15.99
CA ASN A 126 -7.40 3.12 16.50
C ASN A 126 -5.88 2.97 16.41
N LEU A 127 -5.29 3.58 15.39
CA LEU A 127 -3.85 3.47 15.18
C LEU A 127 -3.10 4.65 15.75
N SER A 128 -2.53 4.48 16.94
CA SER A 128 -1.82 5.54 17.63
C SER A 128 -2.60 6.85 17.60
N GLY A 129 -3.81 6.82 18.15
CA GLY A 129 -4.67 7.98 18.21
C GLY A 129 -5.54 8.12 17.00
N LYS A 130 -4.93 8.02 15.82
CA LYS A 130 -5.64 8.12 14.55
C LYS A 130 -6.60 6.95 14.34
N PRO A 131 -7.92 7.21 14.44
CA PRO A 131 -8.92 6.19 14.16
C PRO A 131 -9.13 6.03 12.66
N THR A 132 -8.79 4.85 12.14
CA THR A 132 -8.85 4.64 10.70
C THR A 132 -9.80 3.51 10.32
N LYS A 133 -10.30 3.50 9.08
CA LYS A 133 -11.34 2.54 8.69
C LYS A 133 -10.96 1.60 7.54
N ARG A 134 -11.87 0.68 7.24
CA ARG A 134 -11.70 -0.27 6.15
C ARG A 134 -10.35 -0.97 6.22
N MET A 135 -10.05 -1.57 7.37
CA MET A 135 -8.78 -2.24 7.57
C MET A 135 -8.86 -3.72 7.22
N LEU A 136 -7.74 -4.28 6.79
CA LEU A 136 -7.57 -5.70 6.53
C LEU A 136 -6.53 -6.28 7.46
N MET A 137 -6.85 -7.36 8.18
CA MET A 137 -5.96 -7.89 9.19
C MET A 137 -5.37 -9.26 8.85
N TYR A 138 -4.12 -9.49 9.27
CA TYR A 138 -3.48 -10.79 9.08
C TYR A 138 -2.53 -11.09 10.23
N ASN A 139 -2.35 -12.38 10.50
CA ASN A 139 -1.60 -12.82 11.67
C ASN A 139 -0.13 -13.02 11.42
N PHE A 140 0.56 -11.93 11.14
CA PHE A 140 1.98 -11.98 10.91
C PHE A 140 2.66 -10.82 11.63
N PRO A 141 3.72 -11.12 12.40
CA PRO A 141 4.46 -10.15 13.21
C PRO A 141 5.29 -9.19 12.39
N THR A 142 4.64 -8.41 11.48
CA THR A 142 5.29 -7.44 10.61
C THR A 142 6.19 -6.48 11.39
N LYS A 143 6.73 -5.42 10.87
CA LYS A 143 7.55 -4.40 11.52
C LYS A 143 7.73 -3.19 10.62
N ALA A 144 8.46 -2.22 11.15
CA ALA A 144 9.05 -1.21 10.31
C ALA A 144 10.30 -1.83 9.70
N GLY A 145 10.62 -1.47 8.46
CA GLY A 145 9.78 -0.62 7.65
C GLY A 145 9.22 -1.41 6.50
N GLN A 146 8.07 -2.02 6.74
CA GLN A 146 7.40 -2.83 5.74
C GLN A 146 6.14 -2.14 5.25
N CYS A 147 5.85 -1.00 5.84
CA CYS A 147 4.90 -0.10 5.21
C CYS A 147 5.62 0.46 4.01
N GLY A 148 4.91 0.60 2.91
CA GLY A 148 3.56 0.10 2.80
C GLY A 148 3.57 -1.00 1.76
N GLY A 149 3.93 -2.20 2.18
CA GLY A 149 4.01 -3.32 1.27
C GLY A 149 2.66 -3.55 0.66
N VAL A 150 2.59 -4.43 -0.33
CA VAL A 150 1.38 -4.62 -1.10
C VAL A 150 0.75 -5.96 -0.81
N LEU A 151 -0.54 -5.95 -0.53
CA LEU A 151 -1.26 -7.16 -0.16
C LEU A 151 -2.01 -7.71 -1.36
N MET A 152 -1.68 -8.93 -1.78
CA MET A 152 -2.22 -9.50 -3.01
C MET A 152 -2.74 -10.94 -2.87
N SER A 153 -3.44 -11.39 -3.90
CA SER A 153 -3.81 -12.79 -4.10
C SER A 153 -3.90 -13.05 -5.60
N THR A 154 -4.42 -14.19 -6.02
CA THR A 154 -4.40 -14.48 -7.44
C THR A 154 -5.21 -13.45 -8.21
N GLY A 155 -4.53 -12.48 -8.78
CA GLY A 155 -5.19 -11.50 -9.62
C GLY A 155 -5.95 -10.46 -8.83
N LYS A 156 -5.67 -10.37 -7.54
CA LYS A 156 -6.22 -9.29 -6.72
C LYS A 156 -5.11 -8.49 -6.09
N VAL A 157 -5.23 -7.16 -6.11
CA VAL A 157 -4.50 -6.33 -5.18
C VAL A 157 -5.46 -5.87 -4.11
N LEU A 158 -5.20 -6.27 -2.87
CA LEU A 158 -6.15 -6.12 -1.78
C LEU A 158 -6.02 -4.82 -1.02
N GLY A 159 -4.80 -4.39 -0.75
CA GLY A 159 -4.57 -3.24 0.11
C GLY A 159 -3.12 -2.84 0.24
N ILE A 160 -2.84 -2.00 1.23
CA ILE A 160 -1.50 -1.47 1.44
C ILE A 160 -1.19 -1.46 2.93
N HIS A 161 -0.05 -2.04 3.29
CA HIS A 161 0.29 -2.28 4.68
C HIS A 161 0.66 -1.01 5.42
N ILE A 162 -0.10 -0.68 6.46
CA ILE A 162 0.06 0.62 7.10
C ILE A 162 0.39 0.56 8.60
N GLY A 163 0.17 -0.59 9.22
CA GLY A 163 0.41 -0.68 10.64
C GLY A 163 0.53 -2.10 11.12
N GLY A 164 0.85 -2.25 12.39
CA GLY A 164 1.00 -3.57 13.00
C GLY A 164 1.17 -3.40 14.49
N ASN A 165 0.79 -4.41 15.26
CA ASN A 165 0.91 -4.28 16.70
C ASN A 165 1.88 -5.31 17.26
N GLY A 166 2.75 -5.82 16.41
CA GLY A 166 3.81 -6.70 16.85
C GLY A 166 3.41 -8.16 16.76
N ARG A 167 2.13 -8.41 16.51
CA ARG A 167 1.62 -9.77 16.42
C ARG A 167 0.73 -9.92 15.18
N GLN A 168 -0.14 -8.94 14.96
CA GLN A 168 -0.94 -8.85 13.72
C GLN A 168 -0.42 -7.68 12.91
N GLY A 169 -0.79 -7.63 11.63
CA GLY A 169 -0.40 -6.54 10.75
C GLY A 169 -1.55 -6.07 9.87
N PHE A 170 -1.73 -4.77 9.71
CA PHE A 170 -2.94 -4.22 9.10
C PHE A 170 -2.70 -3.46 7.80
N SER A 171 -3.63 -3.57 6.87
CA SER A 171 -3.48 -2.95 5.57
C SER A 171 -4.65 -2.07 5.27
N ALA A 172 -4.42 -0.91 4.66
CA ALA A 172 -5.53 -0.09 4.20
C ALA A 172 -6.08 -0.70 2.95
N ALA A 173 -7.36 -1.06 2.97
CA ALA A 173 -8.00 -1.61 1.79
C ALA A 173 -7.92 -0.62 0.64
N LEU A 174 -7.72 -1.16 -0.55
CA LEU A 174 -7.42 -0.38 -1.74
C LEU A 174 -8.51 -0.58 -2.80
N LEU A 175 -9.52 0.28 -2.73
CA LEU A 175 -10.77 0.12 -3.45
C LEU A 175 -10.76 0.89 -4.76
N LYS A 176 -11.62 0.47 -5.67
CA LYS A 176 -11.66 1.01 -7.01
C LYS A 176 -12.02 2.49 -7.03
N HIS A 177 -13.02 2.89 -6.23
CA HIS A 177 -13.57 4.23 -6.33
C HIS A 177 -12.63 5.29 -5.77
N TYR A 178 -11.52 4.85 -5.19
CA TYR A 178 -10.49 5.78 -4.75
C TYR A 178 -9.83 6.47 -5.94
N PHE A 179 -10.15 6.02 -7.14
CA PHE A 179 -9.47 6.49 -8.35
C PHE A 179 -10.41 6.70 -9.53
N ASN A 180 -11.46 7.48 -9.33
CA ASN A 180 -12.49 7.73 -10.35
C ASN A 180 -13.20 6.44 -10.74
#